data_8GD5
#
_entry.id   8GD5
#
_cell.length_a   63.395
_cell.length_b   66.792
_cell.length_c   92.123
_cell.angle_alpha   90.00
_cell.angle_beta   90.00
_cell.angle_gamma   90.00
#
_symmetry.space_group_name_H-M   'P 21 21 21'
#
loop_
_entity.id
_entity.type
_entity.pdbx_description
1 polymer 'HIV-1 LM/HS clade A/E CRF01 gp120 core'
2 non-polymer 2-acetamido-2-deoxy-beta-D-glucopyranose
3 non-polymer '4-(2-HYDROXYETHYL)-1-PIPERAZINE ETHANESULFONIC ACID'
4 non-polymer '{4-[(3S,5R)-3-[(4-chloro-3-fluorophenyl)carbamoyl]-5-(hydroxymethyl)piperidine-1-carbonyl]piperazin-1-yl}acetic acid'
5 water water
#
_entity_poly.entity_id   1
_entity_poly.type   'polypeptide(L)'
_entity_poly.pdbx_seq_one_letter_code
;VPVWKDADTTLFCASDAKAYETEVHNVWATHACVPTDPNPQEIHLENVTENFNMWKNNMVEQMHEDIISLWDQSLQPCVK
LTGGSVIKQACPKISFDPIPIHYCTPAGYVILKCNDKNFNGTGPCKNVSSVQCTHGIKPVVSTQLLLNGSLAEEEIIIRS
ENLTNNAKTIIVHLNKSVEINCTRPSNGGSGSGGDIRKAYCEINGTKWNKVLKQVTEKLKEHFNNKTIIFQPPSGGDLEI
TMHSFNCRGEFFYCNTTQLFNNTCIGNETMKGCNGTITLPCKIKQIINMWQGTGQAMYAPPIDGKINCVSNITGILLTRD
GGANNTSNETFRPGGGDMRDNWRSELYKYKVVQIE
;
_entity_poly.pdbx_strand_id   A
#
loop_
_chem_comp.id
_chem_comp.type
_chem_comp.name
_chem_comp.formula
EPE non-polymer '4-(2-HYDROXYETHYL)-1-PIPERAZINE ETHANESULFONIC ACID' 'C8 H18 N2 O4 S'
NAG D-saccharide, beta linking 2-acetamido-2-deoxy-beta-D-glucopyranose 'C8 H15 N O6'
Z2O non-polymer '{4-[(3S,5R)-3-[(4-chloro-3-fluorophenyl)carbamoyl]-5-(hydroxymethyl)piperidine-1-carbonyl]piperazin-1-yl}acetic acid' 'C20 H26 Cl F N4 O5'
#
# COMPACT_ATOMS: atom_id res chain seq x y z
N VAL A 3 24.06 -11.30 20.85
CA VAL A 3 23.62 -12.25 19.83
C VAL A 3 22.10 -12.29 19.88
N TRP A 4 21.50 -12.85 18.86
CA TRP A 4 20.07 -12.72 18.56
C TRP A 4 19.71 -13.74 17.50
N LYS A 5 18.61 -14.47 17.71
CA LYS A 5 18.13 -15.42 16.72
C LYS A 5 16.83 -14.88 16.15
N ASP A 6 16.58 -15.17 14.89
CA ASP A 6 15.29 -14.81 14.31
C ASP A 6 14.18 -15.22 15.25
N ALA A 7 13.11 -14.41 15.30
CA ALA A 7 12.07 -14.63 16.29
C ALA A 7 10.79 -13.91 15.90
N ASP A 8 9.75 -14.21 16.68
CA ASP A 8 8.40 -13.78 16.41
C ASP A 8 7.74 -13.51 17.75
N THR A 9 7.49 -12.25 18.05
CA THR A 9 6.82 -11.91 19.30
C THR A 9 5.65 -11.00 19.01
N THR A 10 4.86 -10.75 20.06
CA THR A 10 3.81 -9.76 19.99
C THR A 10 4.45 -8.38 20.05
N LEU A 11 3.96 -7.48 19.22
CA LEU A 11 4.46 -6.11 19.19
C LEU A 11 3.49 -5.14 19.84
N PHE A 12 3.94 -3.90 19.96
CA PHE A 12 3.10 -2.83 20.47
C PHE A 12 3.28 -1.60 19.57
N CYS A 13 2.28 -0.71 19.55
CA CYS A 13 2.34 0.37 18.57
C CYS A 13 2.49 1.74 19.24
N ALA A 14 3.06 2.68 18.49
CA ALA A 14 3.28 4.04 18.99
C ALA A 14 2.89 5.06 17.92
N SER A 15 2.24 6.14 18.36
CA SER A 15 1.81 7.17 17.43
C SER A 15 1.50 8.47 18.17
N ASP A 16 1.70 9.59 17.47
CA ASP A 16 1.37 10.87 18.08
C ASP A 16 -0.09 11.21 17.77
N ALA A 17 -0.98 10.34 18.21
CA ALA A 17 -2.38 10.68 18.03
C ALA A 17 -2.78 11.74 19.02
N LYS A 18 -4.00 12.33 18.87
CA LYS A 18 -4.49 13.51 19.58
C LYS A 18 -5.75 13.15 20.34
N ALA A 19 -5.84 13.49 21.60
CA ALA A 19 -7.01 13.14 22.45
C ALA A 19 -8.34 13.74 21.95
N TYR A 20 -8.35 15.00 21.50
CA TYR A 20 -9.63 15.59 21.12
C TYR A 20 -9.99 15.42 19.64
N GLU A 21 -9.06 14.99 18.79
CA GLU A 21 -9.38 14.76 17.38
C GLU A 21 -10.34 13.58 17.22
N THR A 22 -11.45 13.79 16.51
CA THR A 22 -12.43 12.72 16.29
C THR A 22 -12.15 11.90 15.05
N GLU A 23 -11.07 12.20 14.33
CA GLU A 23 -10.65 11.37 13.20
C GLU A 23 -10.40 9.96 13.68
N VAL A 24 -11.03 9.00 13.00
CA VAL A 24 -10.99 7.61 13.48
C VAL A 24 -9.59 7.07 13.71
N HIS A 25 -8.61 7.39 12.85
CA HIS A 25 -7.28 6.82 13.06
C HIS A 25 -6.70 7.30 14.39
N ASN A 26 -6.82 8.61 14.65
CA ASN A 26 -6.37 9.13 15.93
C ASN A 26 -7.09 8.45 17.09
N VAL A 27 -8.40 8.22 16.95
CA VAL A 27 -9.13 7.67 18.09
C VAL A 27 -8.65 6.27 18.40
N TRP A 28 -8.46 5.47 17.37
CA TRP A 28 -7.94 4.13 17.61
C TRP A 28 -6.53 4.19 18.20
N ALA A 29 -5.70 5.13 17.73
CA ALA A 29 -4.32 5.18 18.17
C ALA A 29 -4.19 5.74 19.59
N THR A 30 -5.22 6.43 20.04
CA THR A 30 -5.31 6.98 21.37
C THR A 30 -5.46 5.87 22.39
N HIS A 31 -6.32 4.89 22.08
CA HIS A 31 -6.67 3.82 23.00
C HIS A 31 -6.00 2.48 22.67
N ALA A 32 -5.18 2.41 21.61
CA ALA A 32 -4.50 1.15 21.29
C ALA A 32 -2.98 1.25 21.18
N CYS A 33 -2.39 2.44 21.18
CA CYS A 33 -0.96 2.58 21.06
C CYS A 33 -0.48 3.48 22.17
N VAL A 34 0.83 3.65 22.21
CA VAL A 34 1.40 4.47 23.27
C VAL A 34 1.97 5.69 22.57
N PRO A 35 2.45 6.68 23.30
CA PRO A 35 3.17 7.78 22.65
C PRO A 35 4.44 7.28 21.97
N THR A 36 4.77 7.91 20.84
CA THR A 36 5.99 7.56 20.12
C THR A 36 7.19 7.87 20.98
N ASP A 37 8.24 7.06 20.81
CA ASP A 37 9.51 7.21 21.49
C ASP A 37 10.03 8.62 21.30
N PRO A 38 10.20 9.37 22.37
CA PRO A 38 10.66 10.75 22.23
C PRO A 38 12.11 10.88 21.74
N ASN A 39 13.05 10.12 22.30
CA ASN A 39 14.46 10.20 21.93
C ASN A 39 14.92 8.88 21.33
N PRO A 40 14.51 8.57 20.10
CA PRO A 40 14.96 7.32 19.48
C PRO A 40 16.46 7.36 19.25
N GLN A 41 17.01 6.20 18.92
CA GLN A 41 18.45 6.08 18.70
C GLN A 41 18.71 4.72 18.11
N GLU A 42 19.28 4.67 16.91
CA GLU A 42 19.58 3.41 16.24
C GLU A 42 21.06 3.08 16.36
N ILE A 43 21.35 1.84 16.74
CA ILE A 43 22.71 1.33 16.96
C ILE A 43 23.14 0.53 15.74
N HIS A 44 24.35 0.83 15.23
CA HIS A 44 24.83 0.24 13.99
C HIS A 44 25.70 -0.96 14.30
N LEU A 45 25.38 -2.08 13.66
CA LEU A 45 26.06 -3.34 13.99
C LEU A 45 27.24 -3.45 13.03
N GLU A 46 28.42 -3.13 13.57
CA GLU A 46 29.64 -3.03 12.78
C GLU A 46 29.95 -4.36 12.09
N ASN A 47 30.18 -4.30 10.77
CA ASN A 47 30.58 -5.46 9.95
C ASN A 47 29.56 -6.58 10.00
N VAL A 48 28.29 -6.29 10.22
CA VAL A 48 27.29 -7.34 10.33
C VAL A 48 26.49 -7.44 9.05
N THR A 49 26.32 -8.69 8.60
CA THR A 49 25.51 -9.02 7.44
C THR A 49 24.36 -9.87 7.95
N GLU A 50 23.14 -9.51 7.55
CA GLU A 50 21.95 -10.15 8.04
C GLU A 50 21.06 -10.52 6.87
N ASN A 51 20.21 -11.53 7.09
CA ASN A 51 19.27 -12.01 6.09
C ASN A 51 17.88 -11.47 6.37
N PHE A 52 17.18 -11.03 5.31
CA PHE A 52 15.83 -10.50 5.41
C PHE A 52 14.89 -11.22 4.44
N ASN A 53 13.60 -11.29 4.81
CA ASN A 53 12.61 -11.91 3.95
C ASN A 53 11.28 -11.20 4.11
N MET A 54 11.11 -10.14 3.32
CA MET A 54 9.92 -9.30 3.39
C MET A 54 8.66 -10.13 3.18
N TRP A 55 8.73 -11.18 2.37
CA TRP A 55 7.54 -11.96 2.03
C TRP A 55 7.18 -12.99 3.10
N LYS A 56 8.01 -13.15 4.12
CA LYS A 56 7.79 -14.14 5.17
C LYS A 56 8.20 -13.48 6.48
N ASN A 57 7.44 -12.46 6.83
CA ASN A 57 7.74 -11.65 7.98
C ASN A 57 6.46 -11.59 8.81
N ASN A 58 6.58 -11.79 10.11
CA ASN A 58 5.37 -11.76 10.93
C ASN A 58 4.90 -10.33 11.29
N MET A 59 5.79 -9.33 11.25
CA MET A 59 5.35 -7.96 11.49
C MET A 59 4.13 -7.62 10.63
N VAL A 60 4.22 -7.95 9.34
CA VAL A 60 3.15 -7.75 8.36
C VAL A 60 1.82 -8.28 8.87
N GLU A 61 1.78 -9.56 9.27
CA GLU A 61 0.53 -10.12 9.79
C GLU A 61 0.05 -9.36 11.02
N GLN A 62 0.96 -9.01 11.93
CA GLN A 62 0.51 -8.25 13.09
C GLN A 62 -0.06 -6.91 12.66
N MET A 63 0.61 -6.22 11.73
CA MET A 63 0.09 -4.94 11.23
C MET A 63 -1.26 -5.13 10.58
N HIS A 64 -1.36 -6.16 9.73
CA HIS A 64 -2.61 -6.48 9.07
C HIS A 64 -3.72 -6.60 10.09
N GLU A 65 -3.47 -7.31 11.19
CA GLU A 65 -4.50 -7.51 12.20
C GLU A 65 -4.92 -6.16 12.78
N ASP A 66 -3.94 -5.29 13.03
CA ASP A 66 -4.22 -3.95 13.55
C ASP A 66 -5.19 -3.20 12.66
N ILE A 67 -4.90 -3.13 11.35
CA ILE A 67 -5.74 -2.34 10.46
C ILE A 67 -7.09 -2.99 10.33
N ILE A 68 -7.15 -4.32 10.41
CA ILE A 68 -8.46 -4.96 10.36
C ILE A 68 -9.29 -4.51 11.55
N SER A 69 -8.65 -4.41 12.71
CA SER A 69 -9.35 -3.96 13.90
C SER A 69 -9.71 -2.49 13.81
N LEU A 70 -8.76 -1.66 13.39
CA LEU A 70 -9.05 -0.24 13.23
C LEU A 70 -10.31 -0.06 12.40
N TRP A 71 -10.29 -0.61 11.19
CA TRP A 71 -11.41 -0.46 10.28
C TRP A 71 -12.69 -1.07 10.85
N ASP A 72 -12.56 -2.14 11.66
CA ASP A 72 -13.76 -2.76 12.23
C ASP A 72 -14.40 -1.84 13.27
N GLN A 73 -13.61 -1.06 13.99
CA GLN A 73 -14.11 -0.13 15.00
C GLN A 73 -14.52 1.22 14.43
N SER A 74 -14.14 1.54 13.20
CA SER A 74 -14.21 2.91 12.70
C SER A 74 -15.19 3.10 11.55
N LEU A 75 -15.18 2.17 10.61
CA LEU A 75 -16.10 2.31 9.45
C LEU A 75 -17.43 1.67 9.83
N GLN A 76 -18.49 2.45 9.76
CA GLN A 76 -19.77 1.97 10.26
C GLN A 76 -20.74 1.91 9.09
N PRO A 77 -20.77 0.80 8.35
CA PRO A 77 -21.68 0.69 7.20
C PRO A 77 -23.11 0.50 7.64
N CYS A 78 -24.02 1.12 6.88
CA CYS A 78 -25.46 0.97 7.12
C CYS A 78 -25.88 -0.49 7.08
N VAL A 79 -25.35 -1.24 6.12
CA VAL A 79 -25.64 -2.68 6.04
C VAL A 79 -24.33 -3.43 5.79
N LYS A 80 -24.20 -4.56 6.36
CA LYS A 80 -23.09 -5.47 6.18
C LYS A 80 -23.65 -6.88 5.92
N LEU A 81 -23.11 -7.53 4.89
CA LEU A 81 -23.67 -8.78 4.33
C LEU A 81 -22.48 -9.71 4.30
N THR A 82 -22.24 -10.41 5.41
CA THR A 82 -21.17 -11.39 5.50
C THR A 82 -21.76 -12.80 5.60
N GLY A 83 -21.89 -13.46 4.45
CA GLY A 83 -22.22 -14.88 4.39
C GLY A 83 -23.40 -15.30 5.26
N GLY A 84 -24.60 -14.87 4.90
CA GLY A 84 -25.78 -15.19 5.67
C GLY A 84 -26.13 -14.08 6.65
N SER A 85 -25.13 -13.58 7.37
CA SER A 85 -25.34 -12.43 8.25
C SER A 85 -25.74 -11.22 7.43
N VAL A 86 -26.66 -10.42 7.98
CA VAL A 86 -27.06 -9.15 7.41
C VAL A 86 -27.10 -8.15 8.57
N ILE A 87 -25.92 -7.81 9.12
CA ILE A 87 -25.90 -6.90 10.28
C ILE A 87 -26.24 -5.49 9.81
N LYS A 88 -27.26 -4.87 10.42
CA LYS A 88 -27.68 -3.50 10.14
C LYS A 88 -27.32 -2.57 11.31
N GLN A 89 -27.10 -1.29 11.00
CA GLN A 89 -26.79 -0.32 12.06
C GLN A 89 -26.69 1.05 11.45
N ALA A 90 -26.71 2.05 12.34
CA ALA A 90 -26.56 3.45 11.93
C ALA A 90 -25.20 3.64 11.27
N CYS A 91 -25.15 4.53 10.28
CA CYS A 91 -23.96 4.76 9.47
C CYS A 91 -23.67 6.24 9.38
N PRO A 92 -23.30 6.87 10.49
CA PRO A 92 -22.95 8.29 10.43
C PRO A 92 -21.69 8.46 9.61
N LYS A 93 -21.62 9.57 8.90
CA LYS A 93 -20.39 9.95 8.22
C LYS A 93 -19.33 10.26 9.26
N ILE A 94 -18.11 9.79 9.00
CA ILE A 94 -17.02 9.81 9.95
C ILE A 94 -15.86 10.60 9.34
N SER A 95 -14.87 10.87 10.17
CA SER A 95 -13.68 11.60 9.77
C SER A 95 -12.56 10.61 9.54
N PHE A 96 -11.81 10.76 8.44
CA PHE A 96 -10.92 9.69 7.98
C PHE A 96 -9.69 10.27 7.30
N ASP A 97 -8.54 9.99 7.86
CA ASP A 97 -7.24 10.42 7.36
C ASP A 97 -6.12 9.68 8.10
N PRO A 98 -5.43 8.75 7.44
CA PRO A 98 -4.48 7.90 8.17
C PRO A 98 -3.36 8.72 8.79
N ILE A 99 -2.98 8.34 10.02
CA ILE A 99 -1.78 8.83 10.71
C ILE A 99 -0.65 7.79 10.66
N PRO A 100 0.61 8.18 10.87
CA PRO A 100 1.68 7.17 10.89
C PRO A 100 1.55 6.31 12.13
N ILE A 101 1.85 5.02 11.99
CA ILE A 101 1.85 4.07 13.08
C ILE A 101 3.25 3.48 13.15
N HIS A 102 3.78 3.44 14.37
CA HIS A 102 5.06 2.84 14.65
C HIS A 102 4.77 1.48 15.24
N TYR A 103 5.61 0.53 14.90
CA TYR A 103 5.59 -0.81 15.47
C TYR A 103 6.86 -1.07 16.24
N CYS A 104 6.70 -1.45 17.51
CA CYS A 104 7.77 -1.49 18.51
C CYS A 104 7.81 -2.86 19.19
N THR A 105 9.01 -3.25 19.59
CA THR A 105 9.30 -4.57 20.19
C THR A 105 9.22 -4.53 21.71
N PRO A 106 8.78 -5.63 22.34
CA PRO A 106 8.74 -5.74 23.81
C PRO A 106 10.14 -6.03 24.34
N ALA A 107 10.28 -5.79 25.64
CA ALA A 107 11.52 -6.09 26.35
C ALA A 107 12.02 -7.50 26.02
N GLY A 108 13.26 -7.58 25.56
CA GLY A 108 13.90 -8.82 25.20
C GLY A 108 14.08 -9.01 23.72
N TYR A 109 13.41 -8.20 22.90
CA TYR A 109 13.57 -8.28 21.45
C TYR A 109 14.00 -6.92 20.95
N VAL A 110 14.46 -6.88 19.68
CA VAL A 110 14.78 -5.64 18.97
C VAL A 110 14.46 -5.82 17.48
N ILE A 111 14.37 -4.69 16.77
CA ILE A 111 14.18 -4.65 15.31
C ILE A 111 15.50 -4.32 14.64
N LEU A 112 15.90 -5.15 13.68
CA LEU A 112 17.00 -4.82 12.81
C LEU A 112 16.46 -4.08 11.59
N LYS A 113 17.22 -3.09 11.11
CA LYS A 113 16.79 -2.21 10.04
C LYS A 113 17.81 -2.28 8.93
N CYS A 114 17.37 -2.75 7.78
CA CYS A 114 18.24 -2.83 6.62
C CYS A 114 18.41 -1.45 6.01
N ASN A 115 19.65 -0.99 5.89
CA ASN A 115 19.93 0.32 5.30
C ASN A 115 20.61 0.25 3.94
N ASP A 116 20.71 -0.94 3.36
CA ASP A 116 21.25 -1.09 2.01
C ASP A 116 20.36 -0.42 0.97
N LYS A 117 20.89 0.64 0.36
CA LYS A 117 20.07 1.53 -0.46
C LYS A 117 19.49 0.84 -1.70
N ASN A 118 20.00 -0.34 -2.07
CA ASN A 118 19.47 -1.09 -3.20
C ASN A 118 18.82 -2.40 -2.79
N PHE A 119 18.56 -2.56 -1.50
CA PHE A 119 17.92 -3.75 -0.96
C PHE A 119 16.61 -4.06 -1.68
N ASN A 120 16.42 -5.31 -2.07
CA ASN A 120 15.18 -5.62 -2.77
C ASN A 120 14.12 -6.24 -1.88
N GLY A 121 14.39 -6.43 -0.59
CA GLY A 121 13.43 -7.13 0.23
C GLY A 121 13.82 -8.52 0.70
N THR A 122 14.45 -9.35 -0.14
CA THR A 122 14.86 -10.72 0.24
C THR A 122 16.37 -10.87 0.09
N GLY A 123 16.95 -11.69 0.96
CA GLY A 123 18.35 -11.99 0.83
C GLY A 123 19.17 -11.25 1.86
N PRO A 124 20.46 -11.08 1.61
CA PRO A 124 21.35 -10.45 2.59
C PRO A 124 21.37 -8.93 2.52
N CYS A 125 22.05 -8.35 3.53
CA CYS A 125 21.99 -6.95 3.90
C CYS A 125 23.24 -6.65 4.73
N LYS A 126 24.08 -5.72 4.25
CA LYS A 126 25.41 -5.49 4.81
C LYS A 126 25.48 -4.29 5.75
N ASN A 127 24.65 -3.30 5.54
CA ASN A 127 24.54 -2.15 6.44
C ASN A 127 23.30 -2.35 7.32
N VAL A 128 23.48 -2.99 8.47
CA VAL A 128 22.39 -3.32 9.39
C VAL A 128 22.49 -2.46 10.63
N SER A 129 21.35 -1.90 11.03
CA SER A 129 21.23 -1.10 12.24
C SER A 129 20.06 -1.63 13.07
N SER A 130 20.13 -1.43 14.39
CA SER A 130 19.10 -1.90 15.29
C SER A 130 18.23 -0.73 15.74
N VAL A 131 16.94 -0.99 15.96
CA VAL A 131 16.02 0.05 16.41
C VAL A 131 15.03 -0.56 17.41
N GLN A 132 14.45 0.30 18.25
CA GLN A 132 13.37 -0.12 19.13
C GLN A 132 12.01 -0.03 18.46
N CYS A 133 11.85 0.88 17.49
CA CYS A 133 10.58 1.12 16.83
C CYS A 133 10.83 1.40 15.34
N THR A 134 9.92 0.91 14.47
CA THR A 134 9.91 1.29 13.06
C THR A 134 9.66 2.79 12.91
N HIS A 135 9.80 3.29 11.70
CA HIS A 135 9.38 4.64 11.39
C HIS A 135 7.87 4.71 11.30
N GLY A 136 7.35 5.93 11.20
CA GLY A 136 5.93 6.15 11.05
C GLY A 136 5.35 5.70 9.73
N ILE A 137 4.54 4.63 9.77
CA ILE A 137 3.97 3.98 8.60
C ILE A 137 2.48 4.32 8.49
N LYS A 138 2.09 4.94 7.37
CA LYS A 138 0.68 5.28 7.15
C LYS A 138 -0.05 4.07 6.57
N PRO A 139 -1.11 3.59 7.21
CA PRO A 139 -1.72 2.35 6.73
C PRO A 139 -2.77 2.60 5.65
N VAL A 140 -2.29 2.90 4.45
CA VAL A 140 -3.14 3.39 3.39
C VAL A 140 -3.72 2.21 2.63
N VAL A 141 -5.02 2.03 2.72
CA VAL A 141 -5.67 0.92 2.04
C VAL A 141 -5.99 1.36 0.62
N SER A 142 -5.64 0.51 -0.36
CA SER A 142 -5.85 0.83 -1.77
C SER A 142 -5.49 -0.38 -2.61
N THR A 143 -5.83 -0.30 -3.92
CA THR A 143 -5.49 -1.35 -4.89
C THR A 143 -4.73 -0.76 -6.06
N GLN A 144 -3.97 -1.63 -6.74
CA GLN A 144 -3.32 -1.25 -7.99
C GLN A 144 -2.17 -0.28 -7.73
N LEU A 145 -2.42 0.83 -7.03
CA LEU A 145 -1.37 1.79 -6.70
C LEU A 145 -1.11 1.88 -5.20
N LEU A 146 0.18 2.05 -4.85
CA LEU A 146 0.60 2.34 -3.48
C LEU A 146 0.65 3.86 -3.34
N LEU A 147 -0.12 4.39 -2.38
CA LEU A 147 -0.25 5.83 -2.18
C LEU A 147 0.34 6.28 -0.87
N ASN A 148 1.04 7.40 -0.88
CA ASN A 148 1.52 8.06 0.34
C ASN A 148 2.53 7.24 1.11
N GLY A 149 3.29 6.38 0.47
CA GLY A 149 4.30 5.63 1.20
C GLY A 149 5.65 6.28 1.15
N SER A 150 6.69 5.48 1.44
CA SER A 150 8.05 5.95 1.26
C SER A 150 8.45 5.82 -0.20
N LEU A 151 9.61 6.37 -0.51
CA LEU A 151 10.19 6.28 -1.82
C LEU A 151 11.44 5.42 -1.77
N ALA A 152 11.74 4.78 -2.89
CA ALA A 152 12.98 4.03 -3.03
C ALA A 152 14.18 4.96 -2.98
N GLU A 153 15.26 4.50 -2.32
CA GLU A 153 16.38 5.39 -1.98
C GLU A 153 17.25 5.68 -3.19
N GLU A 154 17.35 4.76 -4.15
CA GLU A 154 18.26 4.93 -5.25
C GLU A 154 17.49 4.75 -6.55
N GLU A 155 17.63 3.61 -7.21
CA GLU A 155 16.87 3.39 -8.42
C GLU A 155 15.50 2.84 -8.06
N ILE A 156 14.70 2.59 -9.08
CA ILE A 156 13.41 1.96 -8.87
C ILE A 156 13.65 0.48 -8.56
N ILE A 157 13.22 0.03 -7.38
CA ILE A 157 13.42 -1.33 -6.93
C ILE A 157 12.25 -2.22 -7.31
N ILE A 158 12.54 -3.44 -7.73
CA ILE A 158 11.54 -4.46 -8.04
C ILE A 158 11.55 -5.50 -6.92
N ARG A 159 10.37 -5.86 -6.42
CA ARG A 159 10.21 -6.75 -5.27
C ARG A 159 9.30 -7.93 -5.65
N SER A 160 9.74 -9.16 -5.36
CA SER A 160 8.91 -10.33 -5.64
C SER A 160 9.48 -11.56 -4.96
N GLU A 161 8.63 -12.26 -4.19
CA GLU A 161 9.04 -13.50 -3.53
C GLU A 161 9.80 -14.44 -4.46
N ASN A 162 9.55 -14.35 -5.77
CA ASN A 162 10.14 -15.24 -6.77
C ASN A 162 9.64 -14.83 -8.15
N LEU A 163 10.42 -13.98 -8.83
CA LEU A 163 10.03 -13.42 -10.12
C LEU A 163 9.70 -14.47 -11.16
N THR A 164 10.42 -15.60 -11.12
CA THR A 164 10.12 -16.69 -12.04
C THR A 164 8.67 -17.08 -11.97
N ASN A 165 8.16 -17.29 -10.76
CA ASN A 165 6.78 -17.71 -10.58
C ASN A 165 5.88 -16.54 -10.92
N ASN A 166 4.92 -16.75 -11.81
CA ASN A 166 4.02 -15.70 -12.25
C ASN A 166 2.79 -15.55 -11.37
N ALA A 167 2.70 -16.30 -10.27
CA ALA A 167 1.60 -16.13 -9.33
C ALA A 167 1.91 -15.14 -8.23
N LYS A 168 3.19 -14.95 -7.89
CA LYS A 168 3.60 -14.08 -6.80
C LYS A 168 3.69 -12.63 -7.29
N THR A 169 3.10 -11.73 -6.50
CA THR A 169 2.89 -10.34 -6.91
C THR A 169 4.20 -9.57 -6.98
N ILE A 170 4.26 -8.60 -7.89
CA ILE A 170 5.46 -7.82 -8.11
C ILE A 170 5.21 -6.42 -7.61
N ILE A 171 5.82 -6.07 -6.49
CA ILE A 171 5.79 -4.73 -5.94
C ILE A 171 6.86 -3.92 -6.60
N VAL A 172 6.51 -2.78 -7.16
CA VAL A 172 7.45 -1.82 -7.72
C VAL A 172 7.55 -0.66 -6.76
N HIS A 173 8.79 -0.29 -6.39
CA HIS A 173 9.06 0.81 -5.47
C HIS A 173 9.64 1.92 -6.32
N LEU A 174 8.88 3.00 -6.47
CA LEU A 174 9.34 4.15 -7.23
C LEU A 174 10.39 4.92 -6.42
N ASN A 175 11.23 5.67 -7.13
CA ASN A 175 12.13 6.63 -6.50
C ASN A 175 11.69 8.08 -6.70
N LYS A 176 10.69 8.33 -7.54
CA LYS A 176 10.16 9.66 -7.77
C LYS A 176 8.66 9.57 -7.63
N SER A 177 8.11 10.23 -6.62
CA SER A 177 6.69 10.12 -6.40
C SER A 177 5.96 10.75 -7.59
N VAL A 178 4.72 10.31 -7.80
CA VAL A 178 3.83 10.88 -8.81
C VAL A 178 2.55 11.25 -8.09
N GLU A 179 2.13 12.50 -8.24
CA GLU A 179 1.00 13.02 -7.50
C GLU A 179 -0.29 12.65 -8.24
N ILE A 180 -1.33 12.30 -7.48
CA ILE A 180 -2.65 11.95 -8.03
C ILE A 180 -3.69 12.79 -7.30
N ASN A 181 -4.51 13.53 -8.06
CA ASN A 181 -5.39 14.56 -7.52
C ASN A 181 -6.81 14.21 -7.92
N CYS A 182 -7.60 13.80 -6.94
CA CYS A 182 -8.92 13.21 -7.16
C CYS A 182 -9.99 14.10 -6.52
N THR A 183 -11.03 14.44 -7.28
CA THR A 183 -12.05 15.37 -6.82
C THR A 183 -13.44 14.83 -7.13
N ARG A 184 -14.39 15.12 -6.24
CA ARG A 184 -15.81 15.00 -6.51
C ARG A 184 -16.32 16.42 -6.36
N PRO A 185 -16.57 17.11 -7.48
CA PRO A 185 -16.98 18.51 -7.42
C PRO A 185 -18.29 18.67 -6.66
N SER A 186 -18.51 19.89 -6.16
CA SER A 186 -19.58 20.21 -5.22
C SER A 186 -20.96 20.22 -5.89
N ASN A 187 -22.00 20.11 -5.05
CA ASN A 187 -23.44 20.05 -5.40
C ASN A 187 -23.79 18.78 -6.18
N ASP A 195 -25.70 13.82 -10.79
CA ASP A 195 -24.96 12.67 -10.30
C ASP A 195 -23.80 13.05 -9.38
N ILE A 196 -24.00 12.82 -8.08
CA ILE A 196 -23.01 13.18 -7.07
C ILE A 196 -21.98 12.08 -6.86
N ARG A 197 -22.08 10.99 -7.62
CA ARG A 197 -21.22 9.82 -7.51
C ARG A 197 -20.11 9.82 -8.56
N LYS A 198 -20.13 10.73 -9.52
CA LYS A 198 -19.08 10.87 -10.53
C LYS A 198 -17.95 11.77 -10.02
N ALA A 199 -16.72 11.37 -10.35
CA ALA A 199 -15.51 11.98 -9.82
C ALA A 199 -14.37 11.63 -10.79
N TYR A 200 -13.22 12.25 -10.58
CA TYR A 200 -12.16 12.14 -11.56
C TYR A 200 -10.83 12.41 -10.87
N CYS A 201 -9.78 11.74 -11.33
CA CYS A 201 -8.44 11.96 -10.83
C CYS A 201 -7.58 12.50 -11.97
N GLU A 202 -6.71 13.43 -11.62
CA GLU A 202 -5.87 14.12 -12.58
C GLU A 202 -4.43 13.73 -12.29
N ILE A 203 -3.71 13.39 -13.34
CA ILE A 203 -2.31 13.02 -13.21
C ILE A 203 -1.54 13.75 -14.28
N ASN A 204 -0.35 14.23 -13.94
CA ASN A 204 0.52 14.82 -14.95
C ASN A 204 1.04 13.72 -15.88
N GLY A 205 0.72 13.86 -17.17
CA GLY A 205 1.09 12.83 -18.14
C GLY A 205 2.59 12.67 -18.29
N THR A 206 3.29 13.77 -18.57
CA THR A 206 4.74 13.74 -18.67
C THR A 206 5.36 13.01 -17.48
N LYS A 207 5.05 13.47 -16.26
CA LYS A 207 5.59 12.83 -15.06
C LYS A 207 5.30 11.34 -15.10
N TRP A 208 4.02 11.00 -15.25
CA TRP A 208 3.63 9.59 -15.26
C TRP A 208 4.38 8.82 -16.33
N ASN A 209 4.26 9.26 -17.58
CA ASN A 209 4.74 8.44 -18.69
C ASN A 209 6.25 8.21 -18.59
N LYS A 210 7.01 9.24 -18.19
CA LYS A 210 8.46 9.04 -18.04
C LYS A 210 8.76 8.05 -16.93
N VAL A 211 7.95 8.06 -15.87
CA VAL A 211 8.18 7.10 -14.81
C VAL A 211 7.89 5.68 -15.32
N LEU A 212 6.79 5.52 -16.04
CA LEU A 212 6.45 4.20 -16.57
C LEU A 212 7.54 3.68 -17.50
N LYS A 213 8.06 4.55 -18.37
CA LYS A 213 9.25 4.25 -19.16
C LYS A 213 10.36 3.69 -18.26
N GLN A 214 10.74 4.43 -17.21
CA GLN A 214 11.77 3.95 -16.29
C GLN A 214 11.41 2.58 -15.75
N VAL A 215 10.15 2.39 -15.36
CA VAL A 215 9.74 1.09 -14.85
C VAL A 215 9.96 0.01 -15.92
N THR A 216 9.59 0.31 -17.17
CA THR A 216 9.84 -0.64 -18.27
C THR A 216 11.30 -1.08 -18.31
N GLU A 217 12.22 -0.09 -18.32
CA GLU A 217 13.65 -0.39 -18.20
C GLU A 217 13.89 -1.47 -17.15
N LYS A 218 13.43 -1.24 -15.92
CA LYS A 218 13.74 -2.16 -14.82
C LYS A 218 13.24 -3.56 -15.14
N LEU A 219 11.96 -3.66 -15.50
CA LEU A 219 11.36 -4.97 -15.73
C LEU A 219 12.15 -5.71 -16.80
N LYS A 220 12.62 -4.99 -17.83
CA LYS A 220 13.34 -5.63 -18.94
C LYS A 220 14.60 -6.30 -18.41
N GLU A 221 15.37 -5.59 -17.57
CA GLU A 221 16.58 -6.19 -17.00
C GLU A 221 16.27 -7.50 -16.28
N HIS A 222 15.17 -7.56 -15.54
CA HIS A 222 14.83 -8.74 -14.76
C HIS A 222 14.23 -9.86 -15.61
N PHE A 223 13.97 -9.61 -16.89
CA PHE A 223 13.30 -10.57 -17.79
C PHE A 223 14.03 -10.62 -19.14
N ASN A 224 15.35 -10.88 -19.08
CA ASN A 224 16.21 -11.05 -20.26
C ASN A 224 15.96 -9.97 -21.33
N ASN A 225 15.76 -8.74 -20.85
CA ASN A 225 15.46 -7.57 -21.67
C ASN A 225 14.47 -7.93 -22.79
N LYS A 226 13.32 -8.47 -22.37
CA LYS A 226 12.26 -8.84 -23.29
C LYS A 226 11.40 -7.61 -23.61
N THR A 227 10.39 -7.80 -24.45
CA THR A 227 9.39 -6.77 -24.72
C THR A 227 8.39 -6.67 -23.55
N ILE A 228 8.27 -5.47 -22.96
CA ILE A 228 7.45 -5.27 -21.77
C ILE A 228 6.15 -4.57 -22.14
N ILE A 229 5.03 -5.22 -21.82
CA ILE A 229 3.73 -4.75 -22.22
C ILE A 229 2.88 -4.59 -20.97
N PHE A 230 2.15 -3.48 -20.90
CA PHE A 230 1.24 -3.19 -19.82
C PHE A 230 -0.18 -3.36 -20.34
N GLN A 231 -1.03 -4.02 -19.57
CA GLN A 231 -2.42 -4.08 -19.97
C GLN A 231 -3.27 -3.93 -18.72
N PRO A 232 -4.54 -3.57 -18.86
CA PRO A 232 -5.39 -3.44 -17.69
C PRO A 232 -5.76 -4.81 -17.20
N PRO A 233 -6.17 -4.97 -15.93
CA PRO A 233 -6.57 -6.25 -15.39
C PRO A 233 -7.29 -7.09 -16.44
N SER A 234 -7.37 -8.41 -16.24
CA SER A 234 -8.04 -9.31 -17.19
C SER A 234 -9.20 -9.98 -16.46
N GLY A 235 -10.22 -9.18 -16.15
CA GLY A 235 -11.36 -9.68 -15.43
C GLY A 235 -11.18 -9.57 -13.94
N GLY A 236 -12.31 -9.56 -13.24
CA GLY A 236 -12.36 -9.54 -11.80
C GLY A 236 -13.32 -8.49 -11.34
N ASP A 237 -13.37 -8.31 -10.03
CA ASP A 237 -14.32 -7.36 -9.51
C ASP A 237 -13.73 -5.95 -9.54
N LEU A 238 -14.60 -4.98 -9.31
CA LEU A 238 -14.24 -3.58 -9.50
C LEU A 238 -13.10 -3.16 -8.58
N GLU A 239 -13.13 -3.60 -7.33
CA GLU A 239 -12.00 -3.40 -6.43
C GLU A 239 -10.69 -3.90 -7.02
N ILE A 240 -10.73 -4.70 -8.08
CA ILE A 240 -9.53 -5.26 -8.68
C ILE A 240 -9.27 -4.66 -10.06
N THR A 241 -10.31 -4.54 -10.87
CA THR A 241 -10.15 -3.94 -12.18
C THR A 241 -9.95 -2.44 -12.11
N MET A 242 -10.32 -1.84 -10.99
CA MET A 242 -10.17 -0.42 -10.77
C MET A 242 -9.13 -0.20 -9.68
N HIS A 243 -8.62 1.03 -9.66
CA HIS A 243 -7.76 1.52 -8.59
C HIS A 243 -8.68 2.05 -7.50
N SER A 244 -8.76 1.33 -6.39
CA SER A 244 -9.70 1.66 -5.33
C SER A 244 -8.95 2.21 -4.12
N PHE A 245 -9.60 3.10 -3.39
CA PHE A 245 -8.98 3.67 -2.19
C PHE A 245 -10.09 4.40 -1.44
N ASN A 246 -9.73 4.94 -0.28
CA ASN A 246 -10.70 5.71 0.51
C ASN A 246 -10.19 7.12 0.70
N CYS A 247 -11.04 8.09 0.37
CA CYS A 247 -10.75 9.53 0.51
C CYS A 247 -11.83 10.18 1.34
N ARG A 248 -11.46 10.72 2.50
CA ARG A 248 -12.38 11.38 3.41
C ARG A 248 -13.57 10.48 3.75
N GLY A 249 -13.34 9.17 3.81
CA GLY A 249 -14.35 8.21 4.22
C GLY A 249 -15.15 7.58 3.09
N GLU A 250 -15.11 8.14 1.87
CA GLU A 250 -15.88 7.65 0.73
C GLU A 250 -15.00 6.79 -0.18
N PHE A 251 -15.56 5.69 -0.68
CA PHE A 251 -14.77 4.72 -1.43
C PHE A 251 -14.72 5.11 -2.92
N PHE A 252 -13.54 5.52 -3.36
CA PHE A 252 -13.31 5.93 -4.74
C PHE A 252 -12.84 4.75 -5.57
N TYR A 253 -13.52 4.49 -6.69
CA TYR A 253 -13.04 3.53 -7.68
C TYR A 253 -12.64 4.29 -8.93
N CYS A 254 -11.41 4.08 -9.41
CA CYS A 254 -10.90 4.83 -10.56
C CYS A 254 -10.36 3.93 -11.67
N ASN A 255 -10.84 4.17 -12.88
CA ASN A 255 -10.40 3.48 -14.08
C ASN A 255 -8.97 3.90 -14.45
N THR A 256 -8.04 2.94 -14.45
CA THR A 256 -6.63 3.22 -14.75
C THR A 256 -6.19 2.73 -16.11
N THR A 257 -7.14 2.52 -17.01
CA THR A 257 -6.75 2.17 -18.36
C THR A 257 -5.80 3.20 -18.95
N GLN A 258 -6.07 4.48 -18.72
CA GLN A 258 -5.26 5.51 -19.38
C GLN A 258 -3.83 5.50 -18.92
N LEU A 259 -3.55 4.97 -17.73
CA LEU A 259 -2.18 4.95 -17.25
C LEU A 259 -1.37 3.82 -17.89
N PHE A 260 -1.99 2.66 -18.09
CA PHE A 260 -1.36 1.51 -18.75
C PHE A 260 -1.64 1.51 -20.25
N ASN A 261 -1.36 2.65 -20.85
CA ASN A 261 -1.49 2.83 -22.30
C ASN A 261 -0.04 2.80 -22.81
N ASN A 262 0.36 1.62 -23.33
CA ASN A 262 1.73 1.43 -23.80
C ASN A 262 2.09 2.33 -24.98
N THR A 263 1.08 2.88 -25.68
CA THR A 263 1.32 3.75 -26.83
C THR A 263 2.20 4.95 -26.47
N CYS A 264 2.04 5.50 -25.28
CA CYS A 264 2.82 6.68 -24.86
C CYS A 264 4.12 6.27 -24.17
N LYS A 271 4.98 11.81 -29.05
CA LYS A 271 3.58 11.68 -29.44
C LYS A 271 2.73 12.80 -28.81
N GLY A 272 1.42 12.77 -29.06
CA GLY A 272 0.55 13.82 -28.60
C GLY A 272 -0.18 13.50 -27.31
N CYS A 273 0.58 13.08 -26.27
CA CYS A 273 0.03 12.73 -24.96
C CYS A 273 1.06 13.13 -23.90
N ASN A 274 1.13 14.44 -23.67
CA ASN A 274 2.00 15.01 -22.65
C ASN A 274 1.21 15.90 -21.70
N GLY A 275 -0.12 15.91 -21.82
CA GLY A 275 -0.95 16.80 -21.04
C GLY A 275 -1.42 16.17 -19.75
N THR A 276 -2.51 16.70 -19.24
CA THR A 276 -3.10 16.22 -18.01
C THR A 276 -3.93 14.99 -18.32
N ILE A 277 -3.77 13.92 -17.53
CA ILE A 277 -4.56 12.72 -17.68
C ILE A 277 -5.69 12.77 -16.67
N THR A 278 -6.92 12.77 -17.15
CA THR A 278 -8.10 12.73 -16.29
C THR A 278 -8.72 11.34 -16.33
N LEU A 279 -8.60 10.63 -15.23
CA LEU A 279 -9.16 9.29 -15.14
C LEU A 279 -10.57 9.38 -14.58
N PRO A 280 -11.53 8.66 -15.15
CA PRO A 280 -12.90 8.75 -14.62
C PRO A 280 -13.03 7.87 -13.40
N CYS A 281 -13.81 8.35 -12.43
CA CYS A 281 -13.97 7.67 -11.16
C CYS A 281 -15.42 7.75 -10.73
N LYS A 282 -15.79 6.82 -9.85
CA LYS A 282 -17.07 6.89 -9.17
C LYS A 282 -16.86 6.52 -7.70
N ILE A 283 -17.54 7.25 -6.82
CA ILE A 283 -17.68 6.88 -5.41
C ILE A 283 -18.66 5.72 -5.33
N LYS A 284 -18.33 4.68 -4.57
CA LYS A 284 -19.23 3.54 -4.46
C LYS A 284 -19.73 3.39 -3.03
N GLN A 285 -21.01 3.02 -2.91
CA GLN A 285 -21.60 2.75 -1.61
C GLN A 285 -21.49 1.29 -1.17
N ILE A 286 -21.54 0.36 -2.13
CA ILE A 286 -21.46 -1.08 -1.88
C ILE A 286 -20.09 -1.54 -2.30
N ILE A 287 -19.32 -2.06 -1.35
CA ILE A 287 -17.97 -2.46 -1.71
C ILE A 287 -17.79 -3.92 -1.31
N ASN A 288 -16.84 -4.57 -1.98
CA ASN A 288 -16.39 -5.90 -1.62
C ASN A 288 -15.24 -5.77 -0.63
N MET A 289 -15.49 -6.10 0.65
CA MET A 289 -14.55 -5.67 1.69
C MET A 289 -13.21 -6.36 1.52
N TRP A 290 -12.19 -5.78 2.17
CA TRP A 290 -10.88 -6.39 2.14
C TRP A 290 -10.50 -7.03 3.45
N GLN A 291 -11.30 -6.85 4.51
CA GLN A 291 -10.95 -7.41 5.82
C GLN A 291 -11.25 -8.90 5.76
N GLY A 292 -12.52 -9.22 5.52
CA GLY A 292 -12.92 -10.57 5.25
C GLY A 292 -13.93 -10.59 4.13
N THR A 293 -14.27 -11.79 3.70
CA THR A 293 -15.35 -11.92 2.76
C THR A 293 -16.58 -11.22 3.29
N GLY A 294 -17.40 -10.75 2.35
CA GLY A 294 -18.60 -9.99 2.65
C GLY A 294 -18.69 -8.69 1.87
N GLN A 295 -19.86 -8.08 1.93
CA GLN A 295 -20.21 -6.81 1.32
C GLN A 295 -20.62 -5.80 2.41
N ALA A 296 -20.36 -4.53 2.14
CA ALA A 296 -20.75 -3.48 3.06
C ALA A 296 -21.39 -2.33 2.29
N MET A 297 -22.55 -1.88 2.76
CA MET A 297 -23.24 -0.76 2.14
C MET A 297 -23.01 0.45 3.03
N TYR A 298 -22.60 1.56 2.42
CA TYR A 298 -22.42 2.84 3.10
C TYR A 298 -23.46 3.81 2.58
N ALA A 299 -23.56 4.95 3.22
CA ALA A 299 -24.58 5.91 2.84
C ALA A 299 -24.04 6.78 1.72
N PRO A 300 -24.91 7.45 0.98
CA PRO A 300 -24.42 8.26 -0.14
C PRO A 300 -23.43 9.29 0.29
N PRO A 301 -22.66 9.83 -0.63
CA PRO A 301 -21.52 10.66 -0.24
C PRO A 301 -21.91 11.99 0.38
N ILE A 302 -20.98 12.55 1.14
CA ILE A 302 -21.23 13.84 1.74
C ILE A 302 -21.24 14.91 0.66
N ASP A 303 -21.87 16.04 0.97
CA ASP A 303 -21.93 17.17 0.05
C ASP A 303 -20.56 17.86 0.04
N GLY A 304 -20.40 18.77 -0.91
CA GLY A 304 -19.19 19.56 -1.06
C GLY A 304 -18.12 18.92 -1.92
N LYS A 305 -17.05 19.69 -2.10
CA LYS A 305 -15.93 19.26 -2.92
C LYS A 305 -15.08 18.25 -2.13
N ILE A 306 -15.36 16.94 -2.31
CA ILE A 306 -14.58 15.83 -1.74
C ILE A 306 -13.25 15.69 -2.50
N ASN A 307 -12.10 15.87 -1.84
CA ASN A 307 -10.85 15.78 -2.61
C ASN A 307 -9.69 15.21 -1.77
N CYS A 308 -8.77 14.50 -2.44
CA CYS A 308 -7.54 13.97 -1.85
C CYS A 308 -6.47 14.17 -2.89
N VAL A 309 -5.32 14.66 -2.47
CA VAL A 309 -4.14 14.80 -3.31
C VAL A 309 -3.10 13.89 -2.69
N SER A 310 -2.60 12.92 -3.47
CA SER A 310 -1.81 11.82 -2.90
C SER A 310 -0.58 11.53 -3.74
N ASN A 311 0.41 10.91 -3.11
CA ASN A 311 1.61 10.52 -3.80
C ASN A 311 1.50 9.06 -4.20
N ILE A 312 1.57 8.79 -5.50
CA ILE A 312 1.76 7.43 -5.99
C ILE A 312 3.22 7.09 -5.74
N THR A 313 3.47 6.09 -4.89
CA THR A 313 4.84 5.71 -4.54
C THR A 313 5.18 4.26 -4.91
N GLY A 314 4.19 3.47 -5.28
CA GLY A 314 4.49 2.12 -5.74
C GLY A 314 3.34 1.56 -6.55
N ILE A 315 3.63 0.46 -7.28
CA ILE A 315 2.66 -0.17 -8.15
C ILE A 315 2.65 -1.68 -7.90
N LEU A 316 1.45 -2.26 -7.89
CA LEU A 316 1.28 -3.70 -7.68
C LEU A 316 1.03 -4.36 -9.01
N LEU A 317 1.96 -5.21 -9.43
CA LEU A 317 1.90 -5.85 -10.74
C LEU A 317 1.73 -7.35 -10.59
N THR A 318 1.06 -7.94 -11.58
CA THR A 318 0.90 -9.38 -11.75
C THR A 318 1.24 -9.69 -13.20
N ARG A 319 2.29 -10.51 -13.40
CA ARG A 319 2.78 -10.87 -14.72
C ARG A 319 2.01 -12.05 -15.30
N ASP A 320 1.74 -11.96 -16.60
CA ASP A 320 0.95 -12.96 -17.30
C ASP A 320 1.69 -14.29 -17.51
N GLY A 321 0.94 -15.37 -17.33
CA GLY A 321 1.49 -16.70 -17.44
C GLY A 321 1.35 -17.25 -18.86
N GLY A 322 2.17 -18.25 -19.14
CA GLY A 322 2.15 -18.93 -20.41
C GLY A 322 2.70 -18.05 -21.52
N ALA A 323 3.81 -17.36 -21.24
CA ALA A 323 4.47 -16.51 -22.23
C ALA A 323 5.93 -16.88 -22.50
N ASN A 324 6.48 -17.84 -21.76
CA ASN A 324 7.85 -18.34 -21.93
C ASN A 324 8.23 -18.47 -23.39
N ASN A 325 7.27 -19.00 -24.16
CA ASN A 325 7.44 -19.29 -25.60
C ASN A 325 7.28 -18.05 -26.47
N THR A 326 7.23 -16.86 -25.89
CA THR A 326 7.17 -15.68 -26.76
C THR A 326 8.33 -14.77 -26.42
N SER A 327 8.32 -13.55 -26.97
CA SER A 327 9.38 -12.60 -26.72
C SER A 327 8.92 -11.45 -25.83
N ASN A 328 7.67 -11.49 -25.37
CA ASN A 328 7.12 -10.43 -24.55
C ASN A 328 6.71 -10.93 -23.16
N GLU A 329 6.66 -9.99 -22.22
CA GLU A 329 6.07 -10.23 -20.90
C GLU A 329 5.12 -9.08 -20.60
N THR A 330 3.87 -9.44 -20.32
CA THR A 330 2.82 -8.47 -20.07
C THR A 330 2.44 -8.47 -18.59
N PHE A 331 2.31 -7.27 -18.05
CA PHE A 331 1.95 -7.05 -16.66
C PHE A 331 0.64 -6.27 -16.63
N ARG A 332 -0.14 -6.55 -15.61
CA ARG A 332 -1.41 -5.90 -15.33
C ARG A 332 -1.39 -5.43 -13.90
N PRO A 333 -2.03 -4.31 -13.60
CA PRO A 333 -2.10 -3.84 -12.21
C PRO A 333 -2.90 -4.85 -11.42
N GLY A 334 -2.44 -5.12 -10.21
CA GLY A 334 -2.98 -6.28 -9.51
C GLY A 334 -2.93 -6.18 -8.00
N GLY A 335 -3.95 -5.57 -7.40
CA GLY A 335 -4.12 -5.58 -5.97
C GLY A 335 -4.98 -6.75 -5.52
N GLY A 336 -5.43 -6.66 -4.27
CA GLY A 336 -6.18 -7.74 -3.65
C GLY A 336 -5.78 -8.04 -2.21
N ASP A 337 -4.58 -8.57 -2.00
CA ASP A 337 -4.10 -8.84 -0.65
C ASP A 337 -3.49 -7.57 -0.07
N MET A 338 -4.19 -7.01 0.91
CA MET A 338 -3.70 -5.80 1.58
C MET A 338 -2.33 -6.04 2.22
N ARG A 339 -2.00 -7.30 2.55
CA ARG A 339 -0.73 -7.54 3.25
C ARG A 339 0.42 -7.04 2.41
N ASP A 340 0.23 -6.94 1.11
CA ASP A 340 1.29 -6.39 0.27
C ASP A 340 1.49 -4.90 0.50
N ASN A 341 0.40 -4.14 0.63
CA ASN A 341 0.53 -2.74 1.04
C ASN A 341 1.41 -2.61 2.31
N TRP A 342 1.11 -3.37 3.35
CA TRP A 342 1.94 -3.29 4.54
C TRP A 342 3.38 -3.70 4.27
N ARG A 343 3.58 -4.72 3.43
CA ARG A 343 4.89 -5.19 3.04
C ARG A 343 5.70 -4.09 2.38
N SER A 344 5.04 -3.08 1.80
CA SER A 344 5.80 -2.14 0.99
C SER A 344 6.54 -1.15 1.87
N GLU A 345 6.17 -1.08 3.15
CA GLU A 345 6.87 -0.24 4.12
C GLU A 345 7.65 -1.07 5.12
N LEU A 346 7.20 -2.27 5.41
CA LEU A 346 7.84 -3.14 6.39
C LEU A 346 9.02 -3.96 5.79
N TYR A 347 9.27 -3.86 4.48
CA TYR A 347 10.29 -4.70 3.86
C TYR A 347 11.67 -4.57 4.50
N LYS A 348 11.99 -3.45 5.14
CA LYS A 348 13.37 -3.30 5.59
C LYS A 348 13.55 -3.70 7.05
N TYR A 349 12.52 -4.30 7.64
CA TYR A 349 12.52 -4.54 9.07
C TYR A 349 12.41 -6.03 9.39
N LYS A 350 12.92 -6.41 10.57
CA LYS A 350 12.77 -7.78 11.04
C LYS A 350 13.06 -7.87 12.54
N VAL A 351 12.34 -8.78 13.21
CA VAL A 351 12.35 -8.92 14.65
C VAL A 351 13.32 -10.03 15.01
N VAL A 352 14.12 -9.80 16.05
CA VAL A 352 15.09 -10.80 16.48
C VAL A 352 15.04 -10.88 18.00
N GLN A 353 15.00 -12.11 18.53
CA GLN A 353 15.03 -12.29 19.97
C GLN A 353 16.45 -12.01 20.43
N ILE A 354 16.61 -11.06 21.34
CA ILE A 354 17.93 -10.74 21.85
C ILE A 354 18.40 -11.90 22.71
N GLU A 355 19.71 -12.12 22.71
CA GLU A 355 20.33 -13.20 23.51
C GLU A 355 21.00 -12.56 24.72
C1 NAG B . 17.05 -9.82 -4.48
C2 NAG B . 16.68 -10.62 -5.72
C3 NAG B . 17.04 -12.10 -5.51
C4 NAG B . 18.53 -12.21 -5.17
C5 NAG B . 18.90 -11.29 -4.00
C6 NAG B . 20.40 -11.22 -3.80
C7 NAG B . 14.83 -9.55 -6.94
C8 NAG B . 13.35 -9.53 -7.20
N2 NAG B . 15.27 -10.46 -6.07
O3 NAG B . 16.77 -12.81 -6.71
O4 NAG B . 18.87 -13.54 -4.78
O5 NAG B . 18.46 -9.94 -4.23
O6 NAG B . 20.73 -10.78 -2.49
O7 NAG B . 15.59 -8.76 -7.49
C1 NAG C . 24.52 2.87 6.44
C2 NAG C . 25.45 3.78 5.61
C3 NAG C . 24.68 4.95 4.97
C4 NAG C . 23.91 5.76 6.01
C5 NAG C . 23.27 4.85 7.06
C6 NAG C . 21.85 5.26 7.38
C7 NAG C . 27.67 3.64 6.70
C8 NAG C . 28.67 4.35 7.55
N2 NAG C . 26.54 4.30 6.43
O3 NAG C . 23.78 4.45 3.97
O4 NAG C . 24.80 6.65 6.68
O5 NAG C . 23.20 3.50 6.56
O6 NAG C . 21.43 4.70 8.62
O7 NAG C . 27.88 2.51 6.27
C1 NAG D . -2.23 11.14 1.23
C2 NAG D . -3.72 10.92 1.53
C3 NAG D . -4.51 12.22 1.44
C4 NAG D . -3.88 13.30 2.30
C5 NAG D . -2.42 13.49 1.92
C6 NAG D . -1.71 14.48 2.81
C7 NAG D . -4.86 8.79 1.04
C8 NAG D . -5.47 7.94 -0.05
N2 NAG D . -4.32 9.94 0.63
O3 NAG D . -5.85 11.99 1.88
O4 NAG D . -4.56 14.52 2.02
O5 NAG D . -1.72 12.25 2.03
O6 NAG D . -1.61 14.04 4.16
O7 NAG D . -4.82 8.43 2.22
C1 NAG E . 10.23 -19.87 -8.48
C2 NAG E . 10.67 -21.18 -7.84
C3 NAG E . 11.05 -22.20 -8.92
C4 NAG E . 9.90 -22.38 -9.91
C5 NAG E . 9.45 -21.04 -10.47
C6 NAG E . 8.22 -21.14 -11.34
C7 NAG E . 11.65 -21.17 -5.61
C8 NAG E . 12.90 -20.93 -4.80
N2 NAG E . 11.77 -20.98 -6.92
O3 NAG E . 11.37 -23.43 -8.30
O4 NAG E . 10.34 -23.20 -10.98
O5 NAG E . 9.14 -20.12 -9.41
O6 NAG E . 7.07 -21.57 -10.60
O7 NAG E . 10.60 -21.51 -5.08
C1 NAG F . 15.25 6.25 -10.48
C2 NAG F . 16.18 7.42 -10.89
C3 NAG F . 16.51 7.37 -12.39
C4 NAG F . 17.06 5.99 -12.76
C5 NAG F . 16.04 4.93 -12.35
C6 NAG F . 16.42 3.52 -12.71
C7 NAG F . 16.10 9.38 -9.49
C8 NAG F . 15.47 10.71 -9.18
N2 NAG F . 15.62 8.71 -10.53
O3 NAG F . 17.49 8.35 -12.71
O4 NAG F . 17.31 5.93 -14.15
O5 NAG F . 15.84 4.98 -10.92
O6 NAG F . 15.30 2.64 -12.64
O7 NAG F . 17.02 8.91 -8.79
C1 NAG G . -6.47 19.39 -7.68
C2 NAG G . -5.68 20.69 -7.64
C3 NAG G . -6.61 21.86 -7.35
C4 NAG G . -7.79 21.88 -8.30
C5 NAG G . -8.48 20.51 -8.30
C6 NAG G . -9.58 20.37 -9.31
C7 NAG G . -3.37 20.28 -6.95
C8 NAG G . -2.41 20.23 -5.79
N2 NAG G . -4.63 20.61 -6.65
O3 NAG G . -5.86 23.07 -7.43
O4 NAG G . -8.75 22.84 -7.89
O5 NAG G . -7.52 19.50 -8.61
O6 NAG G . -9.14 19.70 -10.49
O7 NAG G . -3.02 20.05 -8.10
C1 NAG H . 4.17 18.12 -15.47
C2 NAG H . 4.30 19.49 -14.80
C3 NAG H . 5.46 20.29 -15.40
C4 NAG H . 6.75 19.48 -15.36
C5 NAG H . 6.53 18.15 -16.07
C6 NAG H . 7.75 17.25 -16.02
C7 NAG H . 2.40 20.58 -15.98
C8 NAG H . 1.12 21.34 -15.78
N2 NAG H . 3.05 20.24 -14.85
O3 NAG H . 5.64 21.48 -14.63
O4 NAG H . 7.83 20.15 -15.98
O5 NAG H . 5.45 17.43 -15.44
O6 NAG H . 7.93 16.67 -14.74
O7 NAG H . 2.84 20.33 -17.09
C1 NAG I . -12.27 1.80 -18.26
C2 NAG I . -13.29 0.65 -18.18
C3 NAG I . -13.29 -0.15 -19.47
C4 NAG I . -13.51 0.78 -20.67
C5 NAG I . -12.46 1.87 -20.67
C6 NAG I . -12.66 2.86 -21.79
C7 NAG I . -13.93 -0.81 -16.31
C8 NAG I . -13.43 -1.64 -15.15
N2 NAG I . -12.99 -0.20 -17.04
O3 NAG I . -14.34 -1.11 -19.42
O4 NAG I . -13.48 0.07 -21.91
O5 NAG I . -12.52 2.60 -19.44
O6 NAG I . -12.11 4.12 -21.46
O7 NAG I . -15.13 -0.69 -16.56
C1 NAG J . 4.76 13.68 -1.69
C2 NAG J . 4.79 13.74 -0.16
C3 NAG J . 5.69 14.86 0.33
C4 NAG J . 7.08 14.75 -0.29
C5 NAG J . 6.98 14.71 -1.81
C6 NAG J . 8.31 14.49 -2.49
C7 NAG J . 2.92 13.06 1.25
C8 NAG J . 1.52 13.37 1.71
N2 NAG J . 3.44 13.91 0.37
O3 NAG J . 5.82 14.76 1.74
O4 NAG J . 7.88 15.86 0.11
O5 NAG J . 6.11 13.61 -2.20
O6 NAG J . 8.32 13.31 -3.28
O7 NAG J . 3.53 12.08 1.66
C1 NAG K . 7.37 -21.51 -17.98
C2 NAG K . 7.95 -22.88 -18.27
C3 NAG K . 8.09 -23.70 -16.99
C4 NAG K . 8.91 -22.91 -15.98
C5 NAG K . 8.30 -21.52 -15.76
C6 NAG K . 9.17 -20.67 -14.85
C7 NAG K . 6.18 -24.41 -19.21
C8 NAG K . 5.67 -24.99 -20.50
N2 NAG K . 7.24 -23.59 -19.34
O3 NAG K . 8.81 -24.90 -17.30
O4 NAG K . 9.00 -23.62 -14.74
O5 NAG K . 8.20 -20.82 -17.01
O6 NAG K . 10.19 -20.02 -15.60
O7 NAG K . 5.66 -24.66 -18.13
N1 EPE L . -3.04 -3.98 19.87
C2 EPE L . -1.80 -3.29 20.15
C3 EPE L . -0.92 -3.27 18.91
N4 EPE L . -0.58 -4.64 18.58
C5 EPE L . -1.82 -5.31 18.21
C6 EPE L . -2.73 -5.34 19.42
C7 EPE L . 0.39 -4.62 17.49
C8 EPE L . 0.10 -5.65 16.43
O8 EPE L . 0.15 -6.95 16.99
C9 EPE L . -3.80 -4.10 21.11
C10 EPE L . -3.63 -2.89 22.01
S EPE L . -4.91 -2.95 23.03
O1S EPE L . -4.84 -1.89 23.98
O2S EPE L . -6.12 -2.80 22.26
O3S EPE L . -4.98 -4.19 23.76
C02 Z2O M . -7.06 -12.76 1.33
C03 Z2O M . -8.48 -12.38 0.89
C05 Z2O M . -10.39 -12.38 2.25
C06 Z2O M . -11.64 -11.57 1.88
C08 Z2O M . -11.88 -10.71 -0.56
C10 Z2O M . -10.64 -8.53 -1.69
C11 Z2O M . -11.59 -7.36 -2.04
C12 Z2O M . -10.98 -5.96 -1.76
C15 Z2O M . -11.58 -3.50 -1.26
C16 Z2O M . -10.35 -2.98 -1.65
C17 Z2O M . -10.07 -1.67 -1.36
C19 Z2O M . -10.99 -0.88 -0.69
C21 Z2O M . -12.21 -1.39 -0.30
C22 Z2O M . -12.50 -2.71 -0.58
C23 Z2O M . -11.99 -7.45 -3.44
C24 Z2O M . -12.78 -8.67 -3.67
C25 Z2O M . -12.84 -8.91 -5.21
C27 Z2O M . -12.15 -9.93 -3.03
C29 Z2O M . -10.41 -9.67 1.37
C30 Z2O M . -9.08 -10.32 1.63
F18 Z2O M . -8.87 -1.14 -1.75
N04 Z2O M . -9.13 -11.71 1.99
N07 Z2O M . -11.36 -10.62 0.81
N09 Z2O M . -11.53 -9.77 -1.65
N14 Z2O M . -11.93 -4.88 -1.53
O1 Z2O M . -6.80 -12.79 2.56
O13 Z2O M . -9.81 -5.81 -1.76
O26 Z2O M . -12.67 -10.26 -5.52
O28 Z2O M . -12.64 -11.59 -0.85
O31 Z2O M . -6.16 -13.00 0.48
CL1 Z2O M . -10.60 0.83 -0.33
#